data_7N7E
#
_entry.id   7N7E
#
loop_
_entity.id
_entity.type
_entity.pdbx_description
1 polymer Myc2345
2 non-polymer BERBERINE
#
_entity_poly.entity_id   1
_entity_poly.type   'polydeoxyribonucleotide'
_entity_poly.pdbx_seq_one_letter_code
;(DT)(DG)(DA)(DG)(DG)(DG)(DT)(DG)(DG)(DG)(DT)(DA)(DG)(DG)(DG)(DT)(DG)(DG)(DG)(DG)
(DA)(DA)
;
_entity_poly.pdbx_strand_id   A
#
loop_
_chem_comp.id
_chem_comp.type
_chem_comp.name
_chem_comp.formula
BER non-polymer BERBERINE 'C20 H18 N O4 1'
DA DNA linking 2'-DEOXYADENOSINE-5'-MONOPHOSPHATE 'C10 H14 N5 O6 P'
DG DNA linking 2'-DEOXYGUANOSINE-5'-MONOPHOSPHATE 'C10 H14 N5 O7 P'
DT DNA linking THYMIDINE-5'-MONOPHOSPHATE 'C10 H15 N2 O8 P'
#
# COMPACT_ATOMS: atom_id res chain seq x y z
C1 BER B . -4.74 -4.19 -2.16
C2 BER B . -4.02 -4.55 -3.38
N1 BER B . -5.42 -2.97 -2.28
C3 BER B . -4.78 -5.03 -1.03
C4 BER B . -4.12 -3.81 -4.57
C5 BER B . -3.18 -5.71 -3.39
C6 BER B . -6.27 -2.69 -1.23
C7 BER B . -5.08 -1.93 -3.28
C8 BER B . -5.62 -4.67 0.04
C9 BER B . -3.43 -4.20 -5.73
C10 BER B . -4.99 -2.58 -4.64
C11 BER B . -2.51 -6.07 -4.57
C12 BER B . -6.37 -3.52 -0.05
C13 BER B . -5.71 -5.48 1.19
C14 BER B . -2.62 -5.35 -5.69
O1 BER B . -1.66 -7.12 -4.79
C15 BER B . -7.22 -3.13 1.02
C16 BER B . -6.55 -5.11 2.26
O2 BER B . -1.86 -5.90 -6.67
C17 BER B . -1.13 -7.02 -6.13
C18 BER B . -7.31 -3.93 2.18
O3 BER B . -7.92 -1.94 0.91
O4 BER B . -8.12 -3.52 3.23
C19 BER B . -9.33 -1.86 1.02
C20 BER B . -8.47 -4.35 4.33
H31 BER B . -4.23 -5.95 -0.96
H51 BER B . -3.02 -6.34 -2.53
H61 BER B . -6.81 -1.76 -1.30
H71 BER B . -5.85 -1.15 -3.30
H72 BER B . -4.14 -1.47 -3.01
H91 BER B . -3.50 -3.63 -6.65
H101 BER B . -4.55 -1.88 -5.33
H102 BER B . -5.97 -2.87 -4.98
H131 BER B . -5.13 -6.39 1.27
H161 BER B . -6.59 -5.74 3.13
H171 BER B . -0.06 -6.81 -6.11
H172 BER B . -1.33 -7.93 -6.69
H191 BER B . -9.65 -2.05 2.04
H192 BER B . -9.65 -0.86 0.74
H193 BER B . -9.80 -2.58 0.36
H201 BER B . -9.14 -3.81 4.99
H202 BER B . -8.97 -5.26 3.97
H203 BER B . -7.58 -4.62 4.89
C1 BER C . 4.80 3.77 2.19
C2 BER C . 3.98 4.24 3.32
N1 BER C . 4.57 4.53 1.02
C3 BER C . 5.72 2.72 2.30
C4 BER C . 3.26 5.44 3.27
C5 BER C . 3.92 3.46 4.51
C6 BER C . 5.34 4.13 -0.06
C7 BER C . 3.44 5.46 0.82
C8 BER C . 6.49 2.36 1.18
C9 BER C . 2.49 5.87 4.38
C10 BER C . 3.29 6.32 2.05
C11 BER C . 3.16 3.92 5.59
C12 BER C . 6.30 3.06 0.00
C13 BER C . 7.42 1.30 1.24
C14 BER C . 2.47 5.07 5.54
O1 BER C . 2.94 3.33 6.80
C15 BER C . 7.04 2.71 -1.16
C16 BER C . 8.17 0.95 0.09
O2 BER C . 1.81 5.27 6.70
C17 BER C . 2.02 4.13 7.57
C18 BER C . 7.98 1.66 -1.12
O3 BER C . 6.83 3.41 -2.33
O4 BER C . 8.70 1.32 -2.24
C19 BER C . 7.76 4.39 -2.77
C20 BER C . 10.10 1.45 -2.25
H31 BER C . 5.88 2.19 3.23
H51 BER C . 4.41 2.50 4.61
H61 BER C . 5.16 4.66 -0.99
H71 BER C . 3.62 6.10 -0.06
H72 BER C . 2.55 4.87 0.64
H91 BER C . 1.94 6.80 4.36
H101 BER C . 2.37 6.89 1.97
H102 BER C . 4.13 7.00 2.13
H131 BER C . 7.57 0.75 2.15
H161 BER C . 8.88 0.15 0.14
H171 BER C . 1.07 3.60 7.71
H172 BER C . 2.45 4.43 8.51
H191 BER C . 7.41 4.84 -3.70
H192 BER C . 7.88 5.16 -2.02
H193 BER C . 8.74 3.92 -2.96
H201 BER C . 10.49 1.10 -3.22
H202 BER C . 10.38 2.50 -2.12
H203 BER C . 10.55 0.87 -1.45
C1 BER B . -5.11 -3.40 -2.28
C2 BER B . -4.33 -3.90 -3.42
N1 BER B . -5.63 -2.11 -2.52
C3 BER B . -5.33 -4.15 -1.11
C4 BER B . -4.27 -3.24 -4.64
C5 BER B . -3.62 -5.14 -3.29
C6 BER B . -6.49 -1.66 -1.55
C7 BER B . -5.08 -1.18 -3.53
C8 BER B . -6.19 -3.63 -0.12
C9 BER B . -3.53 -3.77 -5.73
C10 BER B . -4.98 -1.93 -4.84
C11 BER B . -2.91 -5.64 -4.39
C12 BER B . -6.78 -2.39 -0.33
C13 BER B . -6.45 -4.34 1.06
C14 BER B . -2.87 -4.99 -5.56
O1 BER B . -2.16 -6.77 -4.48
C15 BER B . -7.63 -1.83 0.65
C16 BER B . -7.29 -3.80 2.04
O2 BER B . -2.10 -5.68 -6.44
C17 BER B . -1.56 -6.85 -5.78
C18 BER B . -7.88 -2.53 1.86
O3 BER B . -8.14 -0.56 0.41
O4 BER B . -8.66 -1.95 2.84
C19 BER B . -9.51 -0.22 0.61
C20 BER B . -9.33 -2.70 3.85
H31 BER B . -4.93 -5.14 -0.96
H51 BER B . -3.58 -5.71 -2.37
H61 BER B . -6.90 -0.68 -1.71
H71 BER B . -5.72 -0.31 -3.65
H72 BER B . -4.09 -0.86 -3.22
H91 BER B . -3.48 -3.26 -6.68
H101 BER B . -4.43 -1.32 -5.56
H102 BER B . -5.98 -2.13 -5.23
H131 BER B . -6.00 -5.30 1.22
H161 BER B . -7.45 -4.34 2.96
H171 BER B . -0.47 -6.78 -5.72
H172 BER B . -1.85 -7.76 -6.30
H191 BER B . -9.74 -0.13 1.66
H192 BER B . -9.71 0.75 0.14
H193 BER B . -10.16 -0.96 0.14
H201 BER B . -8.61 -3.20 4.50
H202 BER B . -9.93 -2.04 4.46
H203 BER B . -9.98 -3.45 3.38
C1 BER C . 5.13 3.87 1.82
C2 BER C . 4.38 4.25 3.02
N1 BER C . 4.88 4.75 0.74
C3 BER C . 6.01 2.78 1.78
C4 BER C . 3.68 5.46 3.13
C5 BER C . 4.37 3.36 4.15
C6 BER C . 5.59 4.46 -0.40
C7 BER C . 3.74 5.70 0.68
C8 BER C . 6.71 2.52 0.59
C9 BER C . 2.97 5.79 4.32
C10 BER C . 3.66 6.43 1.99
C11 BER C . 3.67 3.73 5.31
C12 BER C . 6.50 3.35 -0.50
C13 BER C . 7.60 1.43 0.48
C14 BER C . 3.01 4.89 5.39
O1 BER C . 3.54 3.04 6.48
C15 BER C . 7.18 3.12 -1.73
C16 BER C . 8.28 1.19 -0.73
O2 BER C . 2.42 4.99 6.61
C17 BER C . 2.70 3.81 7.38
C18 BER C . 8.06 2.02 -1.84
O3 BER C . 6.93 3.92 -2.82
O4 BER C . 8.67 1.74 -3.05
C19 BER C . 7.94 4.76 -3.35
C20 BER C . 10.07 1.58 -3.15
H31 BER C . 6.20 2.15 2.63
H51 BER C . 4.86 2.40 4.15
H61 BER C . 5.40 5.09 -1.25
H71 BER C . 3.87 6.41 -0.14
H72 BER C . 2.83 5.12 0.51
H91 BER C . 2.43 6.72 4.41
H101 BER C . 2.73 7.02 2.01
H102 BER C . 4.50 7.11 2.09
H131 BER C . 7.78 0.78 1.33
H161 BER C . 8.95 0.35 -0.80
H171 BER C . 1.77 3.27 7.60
H172 BER C . 3.24 4.05 8.30
H191 BER C . 8.28 5.48 -2.59
H192 BER C . 8.79 4.17 -3.69
H193 BER C . 7.54 5.32 -4.19
H201 BER C . 10.40 0.72 -2.56
H202 BER C . 10.34 1.40 -4.19
H203 BER C . 10.57 2.48 -2.79
C1 BER B . -5.19 -3.31 -2.22
C2 BER B . -4.42 -3.86 -3.34
N1 BER B . -5.68 -2.03 -2.50
C3 BER B . -5.45 -4.04 -1.04
C4 BER B . -4.35 -3.22 -4.59
C5 BER B . -3.72 -5.09 -3.18
C6 BER B . -6.53 -1.53 -1.53
C7 BER B . -5.13 -1.13 -3.53
C8 BER B . -6.29 -3.48 -0.07
C9 BER B . -3.61 -3.79 -5.65
C10 BER B . -5.05 -1.92 -4.82
C11 BER B . -2.99 -5.63 -4.27
C12 BER B . -6.83 -2.22 -0.30
C13 BER B . -6.57 -4.15 1.14
C14 BER B . -2.95 -5.01 -5.45
O1 BER B . -2.25 -6.76 -4.32
C15 BER B . -7.67 -1.62 0.66
C16 BER B . -7.40 -3.56 2.10
O2 BER B . -2.18 -5.72 -6.31
C17 BER B . -1.64 -6.87 -5.63
C18 BER B . -7.95 -2.29 1.88
O3 BER B . -8.14 -0.33 0.44
O4 BER B . -8.73 -1.66 2.84
C19 BER B . -9.53 -0.05 0.34
C20 BER B . -9.51 -2.37 3.79
H31 BER B . -5.05 -5.03 -0.88
H51 BER B . -3.68 -5.64 -2.25
H61 BER B . -6.92 -0.54 -1.71
H71 BER B . -5.76 -0.26 -3.68
H72 BER B . -4.14 -0.80 -3.22
H91 BER B . -3.55 -3.30 -6.62
H101 BER B . -4.49 -1.34 -5.55
H102 BER B . -6.06 -2.11 -5.20
H131 BER B . -6.14 -5.13 1.32
H161 BER B . -7.58 -4.09 3.03
H171 BER B . -0.56 -6.80 -5.55
H172 BER B . -1.95 -7.79 -6.12
H191 BER B . -10.02 -0.21 1.29
H192 BER B . -9.66 0.99 0.06
H193 BER B . -9.99 -0.69 -0.42
H201 BER B . -10.18 -3.06 3.28
H202 BER B . -8.87 -2.93 4.47
H203 BER B . -10.09 -1.67 4.38
C1 BER C . 4.87 3.81 2.20
C2 BER C . 4.08 4.31 3.31
N1 BER C . 4.72 4.59 1.03
C3 BER C . 5.73 2.69 2.31
C4 BER C . 3.40 5.54 3.27
C5 BER C . 3.98 3.54 4.51
C6 BER C . 5.49 4.19 -0.03
C7 BER C . 3.62 5.56 0.81
C8 BER C . 6.49 2.32 1.18
C9 BER C . 2.65 6.01 4.38
C10 BER C . 3.47 6.41 2.04
C11 BER C . 3.24 4.04 5.60
C12 BER C . 6.37 3.04 0.01
C13 BER C . 7.36 1.20 1.23
C14 BER C . 2.61 5.22 5.53
O1 BER C . 3.02 3.48 6.81
C15 BER C . 7.12 2.68 -1.14
C16 BER C . 8.09 0.83 0.09
O2 BER C . 1.95 5.45 6.70
C17 BER C . 2.14 4.33 7.58
C18 BER C . 7.98 1.56 -1.10
O3 BER C . 6.96 3.44 -2.30
O4 BER C . 8.67 1.19 -2.23
C19 BER C . 8.04 4.16 -2.87
C20 BER C . 10.09 1.11 -2.20
H31 BER C . 5.84 2.14 3.22
H51 BER C . 4.44 2.58 4.63
H61 BER C . 5.36 4.74 -0.96
H71 BER C . 3.82 6.18 -0.06
H72 BER C . 2.71 4.99 0.62
H91 BER C . 2.14 6.96 4.35
H101 BER C . 2.56 7.00 1.95
H102 BER C . 4.33 7.08 2.13
H131 BER C . 7.45 0.61 2.13
H161 BER C . 8.74 -0.04 0.12
H171 BER C . 1.19 3.83 7.78
H172 BER C . 2.62 4.63 8.52
H191 BER C . 7.67 4.77 -3.69
H192 BER C . 8.49 4.81 -2.11
H193 BER C . 8.80 3.48 -3.26
H201 BER C . 10.42 0.38 -1.47
H202 BER C . 10.45 0.82 -3.19
H203 BER C . 10.51 2.08 -1.95
C1 BER B . -5.00 -3.54 -2.28
C2 BER B . -4.34 -3.99 -3.50
N1 BER B . -5.56 -2.25 -2.42
C3 BER B . -5.11 -4.34 -1.12
C4 BER B . -4.36 -3.25 -4.68
C5 BER B . -3.65 -5.25 -3.50
C6 BER B . -6.37 -1.87 -1.38
C7 BER B . -5.08 -1.25 -3.40
C8 BER B . -5.91 -3.87 -0.05
C9 BER B . -3.71 -3.72 -5.85
C10 BER B . -5.05 -1.93 -4.75
C11 BER B . -3.03 -5.69 -4.69
C12 BER B . -6.54 -2.65 -0.18
C13 BER B . -6.06 -4.62 1.14
C14 BER B . -3.06 -4.96 -5.82
O1 BER B . -2.32 -6.82 -4.91
C15 BER B . -7.35 -2.15 0.88
C16 BER B . -6.84 -4.13 2.19
O2 BER B . -2.38 -5.59 -6.80
C17 BER B . -1.81 -6.81 -6.27
C18 BER B . -7.50 -2.89 2.07
O3 BER B . -7.92 -0.89 0.75
O4 BER B . -8.23 -2.37 3.12
C19 BER B . -9.33 -0.74 0.71
C20 BER B . -9.10 -3.17 3.91
H31 BER B . -4.66 -5.30 -1.03
H51 BER B . -3.57 -5.89 -2.65
H61 BER B . -6.82 -0.89 -1.47
H71 BER B . -5.73 -0.39 -3.43
H72 BER B . -4.07 -0.94 -3.13
H91 BER B . -3.73 -3.15 -6.77
H101 BER B . -4.53 -1.27 -5.45
H102 BER B . -6.07 -2.08 -5.10
H131 BER B . -5.55 -5.58 1.24
H161 BER B . -6.92 -4.71 3.10
H171 BER B . -0.71 -6.75 -6.27
H172 BER B . -2.14 -7.69 -6.83
H191 BER B . -9.57 0.31 0.53
H192 BER B . -9.76 -1.34 -0.10
H193 BER B . -9.78 -1.04 1.66
H201 BER B . -8.53 -3.93 4.45
H202 BER B . -9.61 -2.55 4.63
H203 BER B . -9.83 -3.66 3.27
C1 BER C . 5.16 3.62 1.93
C2 BER C . 4.47 3.99 3.17
N1 BER C . 4.89 4.54 0.90
C3 BER C . 6.03 2.52 1.83
C4 BER C . 3.73 5.18 3.30
C5 BER C . 4.56 3.14 4.31
C6 BER C . 5.63 4.34 -0.24
C7 BER C . 3.68 5.39 0.85
C8 BER C . 6.74 2.33 0.63
C9 BER C . 3.09 5.51 4.53
C10 BER C . 3.59 6.13 2.15
C11 BER C . 3.91 3.49 5.51
C12 BER C . 6.56 3.23 -0.40
C13 BER C . 7.64 1.26 0.46
C14 BER C . 3.20 4.63 5.60
O1 BER C . 3.85 2.83 6.69
C15 BER C . 7.25 3.08 -1.63
C16 BER C . 8.33 1.09 -0.75
O2 BER C . 2.68 4.73 6.85
C17 BER C . 3.04 3.56 7.62
C18 BER C . 8.14 2.00 -1.81
O3 BER C . 7.05 3.99 -2.65
O4 BER C . 8.79 1.88 -3.02
C19 BER C . 8.06 4.93 -2.97
C20 BER C . 9.92 1.05 -3.24
H31 BER C . 6.21 1.85 2.65
H51 BER C . 5.09 2.19 4.30
H61 BER C . 5.46 5.02 -1.05
H71 BER C . 3.74 6.10 0.02
H72 BER C . 2.81 4.74 0.71
H91 BER C . 2.52 6.42 4.63
H101 BER C . 2.63 6.65 2.20
H102 BER C . 4.38 6.88 2.21
H131 BER C . 7.80 0.55 1.27
H161 BER C . 9.02 0.27 -0.86
H171 BER C . 2.16 2.99 7.91
H172 BER C . 3.62 3.85 8.50
H191 BER C . 8.28 5.55 -2.10
H192 BER C . 8.97 4.42 -3.29
H193 BER C . 7.71 5.57 -3.79
H201 BER C . 9.63 0.00 -3.17
H202 BER C . 10.32 1.24 -4.23
H203 BER C . 10.69 1.27 -2.50
C1 BER B . -4.58 -4.12 -2.22
C2 BER B . -3.86 -4.46 -3.45
N1 BER B . -5.22 -2.86 -2.31
C3 BER B . -4.66 -4.99 -1.11
C4 BER B . -3.93 -3.68 -4.61
C5 BER B . -3.06 -5.65 -3.48
C6 BER B . -6.07 -2.58 -1.26
C7 BER B . -4.84 -1.80 -3.27
C8 BER B . -5.49 -4.63 -0.03
C9 BER B . -3.23 -4.06 -5.78
C10 BER B . -4.75 -2.42 -4.64
C11 BER B . -2.39 -5.99 -4.66
C12 BER B . -6.21 -3.44 -0.10
C13 BER B . -5.62 -5.46 1.09
C14 BER B . -2.46 -5.23 -5.77
O1 BER B . -1.56 -7.04 -4.90
C15 BER B . -7.06 -3.06 0.96
C16 BER B . -6.46 -5.09 2.16
O2 BER B . -1.71 -5.77 -6.75
C17 BER B . -1.01 -6.93 -6.24
C18 BER B . -7.18 -3.89 2.11
O3 BER B . -7.73 -1.87 0.89
O4 BER B . -8.01 -3.48 3.13
C19 BER B . -9.14 -1.84 0.69
C20 BER B . -8.37 -4.30 4.23
H31 BER B . -4.14 -5.93 -1.07
H51 BER B . -2.93 -6.30 -2.63
H61 BER B . -6.58 -1.64 -1.30
H71 BER B . -5.58 -1.00 -3.28
H72 BER B . -3.87 -1.38 -2.99
H91 BER B . -3.28 -3.46 -6.68
H101 BER B . -4.29 -1.71 -5.33
H102 BER B . -5.74 -2.66 -4.99
H131 BER B . -5.06 -6.39 1.15
H161 BER B . -6.53 -5.75 3.03
H171 BER B . 0.06 -6.74 -6.18
H172 BER B . -1.23 -7.82 -6.83
H191 BER B . -9.65 -2.34 1.53
H192 BER B . -9.48 -0.81 0.64
H193 BER B . -9.40 -2.35 -0.24
H201 BER B . -7.49 -4.54 4.83
H202 BER B . -9.07 -3.77 4.87
H203 BER B . -8.84 -5.23 3.88
C1 BER C . 4.91 3.73 2.16
C2 BER C . 4.11 4.23 3.27
N1 BER C . 4.73 4.48 0.99
C3 BER C . 5.80 2.64 2.29
C4 BER C . 3.41 5.45 3.22
C5 BER C . 4.04 3.48 4.49
C6 BER C . 5.51 4.09 -0.06
C7 BER C . 3.59 5.41 0.76
C8 BER C . 6.57 2.26 1.17
C9 BER C . 2.66 5.91 4.32
C10 BER C . 3.44 6.28 1.97
C11 BER C . 3.29 3.97 5.57
C12 BER C . 6.44 2.97 0.00
C13 BER C . 7.47 1.17 1.23
C14 BER C . 2.63 5.14 5.50
O1 BER C . 3.07 3.41 6.79
C15 BER C . 7.19 2.62 -1.15
C16 BER C . 8.21 0.81 0.10
O2 BER C . 1.99 5.38 6.66
C17 BER C . 2.18 4.26 7.55
C18 BER C . 8.07 1.52 -1.10
O3 BER C . 7.01 3.34 -2.33
O4 BER C . 8.78 1.15 -2.22
C19 BER C . 8.05 4.14 -2.86
C20 BER C . 10.19 1.19 -2.21
H31 BER C . 5.93 2.10 3.21
H51 BER C . 4.51 2.51 4.61
H61 BER C . 5.37 4.63 -0.99
H71 BER C . 3.77 6.01 -0.13
H72 BER C . 2.70 4.81 0.60
H91 BER C . 2.12 6.86 4.29
H101 BER C . 2.51 6.87 1.88
H102 BER C . 4.28 6.98 2.03
H131 BER C . 7.57 0.60 2.15
H161 BER C . 8.88 -0.04 0.15
H171 BER C . 1.23 3.75 7.72
H172 BER C . 2.64 4.57 8.49
H191 BER C . 8.40 4.85 -2.11
H192 BER C . 8.88 3.52 -3.19
H193 BER C . 7.68 4.68 -3.73
H201 BER C . 10.59 0.56 -1.40
H202 BER C . 10.57 0.82 -3.17
H203 BER C . 10.54 2.21 -2.06
C1 BER B . -5.00 -3.48 -2.31
C2 BER B . -4.24 -3.96 -3.46
N1 BER B . -5.51 -2.19 -2.51
C3 BER B . -5.21 -4.25 -1.14
C4 BER B . -4.19 -3.26 -4.67
C5 BER B . -3.55 -5.21 -3.38
C6 BER B . -6.35 -1.74 -1.52
C7 BER B . -4.97 -1.22 -3.50
C8 BER B . -6.03 -3.74 -0.13
C9 BER B . -3.47 -3.77 -5.79
C10 BER B . -4.89 -1.94 -4.83
C11 BER B . -2.84 -5.68 -4.51
C12 BER B . -6.61 -2.50 -0.31
C13 BER B . -6.27 -4.46 1.05
C14 BER B . -2.81 -4.99 -5.66
O1 BER B . -2.10 -6.81 -4.64
C15 BER B . -7.43 -1.94 0.71
C16 BER B . -7.07 -3.92 2.08
O2 BER B . -2.05 -5.66 -6.57
C17 BER B . -1.49 -6.83 -5.96
C18 BER B . -7.65 -2.65 1.91
O3 BER B . -7.96 -0.66 0.54
O4 BER B . -8.38 -2.06 2.92
C19 BER B . -9.35 -0.44 0.45
C20 BER B . -9.30 -2.80 3.73
H31 BER B . -4.78 -5.23 -1.02
H51 BER B . -3.50 -5.81 -2.49
H61 BER B . -6.76 -0.75 -1.64
H71 BER B . -5.62 -0.35 -3.60
H72 BER B . -3.98 -0.90 -3.19
H91 BER B . -3.42 -3.22 -6.72
H101 BER B . -4.35 -1.32 -5.53
H102 BER B . -5.89 -2.12 -5.22
H131 BER B . -5.81 -5.43 1.20
H161 BER B . -7.21 -4.47 3.00
H171 BER B . -0.41 -6.76 -5.88
H172 BER B . -1.78 -7.74 -6.50
H191 BER B . -9.79 -1.03 -0.35
H192 BER B . -9.83 -0.70 1.40
H193 BER B . -9.53 0.62 0.24
H201 BER B . -10.04 -3.27 3.09
H202 BER B . -8.78 -3.55 4.31
H203 BER B . -9.81 -2.12 4.41
C1 BER C . 4.82 3.96 2.31
C2 BER C . 4.03 4.46 3.44
N1 BER C . 4.64 4.73 1.14
C3 BER C . 5.69 2.86 2.42
C4 BER C . 3.37 5.69 3.41
C5 BER C . 3.93 3.67 4.63
C6 BER C . 5.38 4.31 0.06
C7 BER C . 3.56 5.72 0.94
C8 BER C . 6.43 2.47 1.28
C9 BER C . 2.62 6.14 4.52
C10 BER C . 3.44 6.57 2.18
C11 BER C . 3.19 4.16 5.72
C12 BER C . 6.29 3.18 0.11
C13 BER C . 7.32 1.37 1.34
C14 BER C . 2.56 5.35 5.67
O1 BER C . 2.96 3.58 6.93
C15 BER C . 7.00 2.81 -1.06
C16 BER C . 8.04 0.99 0.19
O2 BER C . 1.91 5.57 6.83
C17 BER C . 2.08 4.42 7.70
C18 BER C . 7.88 1.70 -1.01
O3 BER C . 6.84 3.52 -2.22
O4 BER C . 8.55 1.31 -2.15
C19 BER C . 7.79 4.51 -2.60
C20 BER C . 9.97 1.34 -2.19
H31 BER C . 5.83 2.32 3.34
H51 BER C . 4.38 2.70 4.73
H61 BER C . 5.21 4.84 -0.86
H71 BER C . 3.78 6.37 0.09
H72 BER C . 2.63 5.19 0.76
H91 BER C . 2.11 7.10 4.50
H101 BER C . 2.54 7.19 2.11
H102 BER C . 4.31 7.22 2.28
H131 BER C . 7.44 0.80 2.25
H161 BER C . 8.71 0.14 0.23
H171 BER C . 1.12 3.93 7.88
H172 BER C . 2.54 4.71 8.64
H191 BER C . 8.78 4.06 -2.67
H192 BER C . 7.51 4.93 -3.56
H193 BER C . 7.81 5.30 -1.84
H201 BER C . 10.39 0.74 -1.40
H202 BER C . 10.31 0.93 -3.15
H203 BER C . 10.33 2.37 -2.09
C1 BER B . -4.71 -4.19 -2.18
C2 BER B . -4.00 -4.54 -3.40
N1 BER B . -5.39 -2.96 -2.28
C3 BER B . -4.74 -5.02 -1.05
C4 BER B . -4.09 -3.77 -4.58
C5 BER B . -3.20 -5.72 -3.45
C6 BER B . -6.18 -2.66 -1.20
C7 BER B . -5.03 -1.89 -3.26
C8 BER B . -5.52 -4.64 0.06
C9 BER B . -3.41 -4.15 -5.76
C10 BER B . -4.92 -2.53 -4.62
C11 BER B . -2.54 -6.06 -4.63
C12 BER B . -6.24 -3.47 -0.01
C13 BER B . -5.56 -5.44 1.23
C14 BER B . -2.64 -5.31 -5.74
O1 BER B . -1.70 -7.12 -4.87
C15 BER B . -7.01 -3.05 1.11
C16 BER B . -6.29 -5.01 2.35
O2 BER B . -1.88 -5.86 -6.73
C17 BER B . -1.17 -7.01 -6.21
C18 BER B . -7.02 -3.81 2.29
O3 BER B . -7.69 -1.85 1.05
O4 BER B . -7.66 -3.32 3.42
C19 BER B . -9.11 -1.81 1.05
C20 BER B . -8.49 -4.13 4.24
H31 BER B . -4.21 -5.96 -1.00
H51 BER B . -3.05 -6.36 -2.60
H61 BER B . -6.71 -1.71 -1.25
H71 BER B . -5.79 -1.11 -3.27
H72 BER B . -4.08 -1.45 -2.98
H91 BER B . -3.48 -3.56 -6.66
H101 BER B . -4.45 -1.81 -5.30
H102 BER B . -5.92 -2.77 -5.00
H131 BER B . -4.99 -6.36 1.28
H161 BER B . -6.27 -5.60 3.26
H171 BER B . -0.10 -6.81 -6.19
H172 BER B . -1.39 -7.91 -6.79
H191 BER B . -9.50 -2.38 0.20
H192 BER B . -9.50 -2.24 1.98
H193 BER B . -9.45 -0.79 0.98
H201 BER B . -8.82 -3.54 5.09
H202 BER B . -9.36 -4.47 3.68
H203 BER B . -7.93 -5.00 4.61
C1 BER C . 4.77 3.94 2.23
C2 BER C . 3.98 4.41 3.38
N1 BER C . 4.56 4.74 1.09
C3 BER C . 5.65 2.85 2.29
C4 BER C . 3.25 5.60 3.37
C5 BER C . 3.96 3.62 4.57
C6 BER C . 5.35 4.41 0.01
C7 BER C . 3.40 5.65 0.90
C8 BER C . 6.42 2.53 1.16
C9 BER C . 2.52 6.02 4.51
C10 BER C . 3.24 6.48 2.16
C11 BER C . 3.23 4.06 5.68
C12 BER C . 6.28 3.30 0.02
C13 BER C . 7.32 1.45 1.16
C14 BER C . 2.54 5.22 5.65
O1 BER C . 3.06 3.48 6.90
C15 BER C . 7.02 3.01 -1.16
C16 BER C . 8.07 1.15 0.00
O2 BER C . 1.91 5.41 6.84
C17 BER C . 2.15 4.28 7.70
C18 BER C . 7.92 1.92 -1.16
O3 BER C . 6.85 3.78 -2.29
O4 BER C . 8.62 1.62 -2.30
C19 BER C . 7.88 4.64 -2.74
C20 BER C . 10.04 1.47 -2.27
H31 BER C . 5.79 2.26 3.18
H51 BER C . 4.47 2.67 4.67
H61 BER C . 5.19 4.98 -0.89
H71 BER C . 3.55 6.30 0.04
H72 BER C . 2.52 5.03 0.74
H91 BER C . 1.96 6.95 4.50
H101 BER C . 2.31 7.03 2.10
H102 BER C . 4.06 7.20 2.22
H131 BER C . 7.44 0.83 2.04
H161 BER C . 8.75 0.31 0.01
H171 BER C . 1.23 3.72 7.89
H172 BER C . 2.62 4.58 8.63
H191 BER C . 8.11 5.37 -1.97
H192 BER C . 8.78 4.07 -2.97
H193 BER C . 7.56 5.16 -3.64
H201 BER C . 10.40 1.32 -3.29
H202 BER C . 10.50 2.37 -1.85
H203 BER C . 10.31 0.61 -1.67
C1 BER B . -4.72 -4.21 -2.32
C2 BER B . -4.05 -4.56 -3.56
N1 BER B . -5.40 -2.97 -2.40
C3 BER B . -4.75 -5.04 -1.18
C4 BER B . -4.14 -3.79 -4.72
C5 BER B . -3.27 -5.76 -3.62
C6 BER B . -6.17 -2.66 -1.31
C7 BER B . -5.06 -1.90 -3.37
C8 BER B . -5.51 -4.67 -0.07
C9 BER B . -3.48 -4.17 -5.91
C10 BER B . -4.95 -2.53 -4.74
C11 BER B . -2.62 -6.10 -4.82
C12 BER B . -6.23 -3.49 -0.12
C13 BER B . -5.56 -5.47 1.09
C14 BER B . -2.72 -5.34 -5.91
O1 BER B . -1.81 -7.16 -5.08
C15 BER B . -7.00 -3.07 1.00
C16 BER B . -6.32 -5.07 2.20
O2 BER B . -1.99 -5.89 -6.92
C17 BER B . -1.29 -7.04 -6.42
C18 BER B . -7.04 -3.86 2.16
O3 BER B . -7.67 -1.86 0.94
O4 BER B . -7.76 -3.41 3.25
C19 BER B . -9.08 -1.82 0.83
C20 BER B . -8.24 -4.26 4.29
H31 BER B . -4.21 -5.99 -1.15
H51 BER B . -3.12 -6.41 -2.78
H61 BER B . -6.70 -1.72 -1.34
H71 BER B . -5.83 -1.13 -3.39
H72 BER B . -4.10 -1.45 -3.10
H91 BER B . -3.54 -3.57 -6.82
H101 BER B . -4.46 -1.81 -5.41
H102 BER B . -5.95 -2.75 -5.13
H131 BER B . -5.00 -6.39 1.13
H161 BER B . -6.32 -5.68 3.09
H171 BER B . -0.21 -6.87 -6.40
H172 BER B . -1.53 -7.93 -7.01
H191 BER B . -9.54 -2.35 1.67
H192 BER B . -9.42 -0.79 0.83
H193 BER B . -9.40 -2.30 -0.10
H201 BER B . -8.90 -5.01 3.87
H202 BER B . -7.42 -4.72 4.82
H203 BER B . -8.81 -3.65 5.00
C1 BER C . 4.82 3.83 2.21
C2 BER C . 4.04 4.31 3.35
N1 BER C . 4.64 4.62 1.06
C3 BER C . 5.68 2.70 2.29
C4 BER C . 3.36 5.54 3.33
C5 BER C . 3.97 3.52 4.54
C6 BER C . 5.40 4.22 -0.02
C7 BER C . 3.52 5.57 0.86
C8 BER C . 6.41 2.33 1.14
C9 BER C . 2.63 5.98 4.46
C10 BER C . 3.40 6.42 2.12
C11 BER C . 3.25 4.00 5.64
C12 BER C . 6.28 3.08 -0.01
C13 BER C . 7.26 1.21 1.16
C14 BER C . 2.61 5.18 5.61
O1 BER C . 3.05 3.43 6.85
C15 BER C . 6.98 2.72 -1.19
C16 BER C . 7.94 0.82 -0.02
O2 BER C . 1.98 5.40 6.79
C17 BER C . 2.17 4.25 7.64
C18 BER C . 7.79 1.57 -1.19
O3 BER C . 6.83 3.49 -2.33
O4 BER C . 8.38 1.14 -2.37
C19 BER C . 7.88 4.37 -2.71
C20 BER C . 9.78 1.03 -2.49
H31 BER C . 5.81 2.14 3.20
H51 BER C . 4.43 2.56 4.63
H61 BER C . 5.25 4.78 -0.93
H71 BER C . 3.71 6.22 0.01
H72 BER C . 2.62 5.00 0.71
H91 BER C . 2.11 6.93 4.45
H101 BER C . 2.49 7.02 2.05
H102 BER C . 4.26 7.09 2.19
H131 BER C . 7.37 0.61 2.06
H161 BER C . 8.55 -0.07 -0.01
H171 BER C . 1.22 3.75 7.82
H172 BER C . 2.64 4.54 8.59
H191 BER C . 8.80 3.82 -2.89
H192 BER C . 7.60 4.90 -3.61
H193 BER C . 8.06 5.10 -1.90
H201 BER C . 10.20 0.48 -1.65
H202 BER C . 10.02 0.51 -3.41
H203 BER C . 10.23 2.03 -2.53
C1 BER B . -4.60 -4.14 -2.10
C2 BER B . -3.94 -4.48 -3.36
N1 BER B . -5.26 -2.90 -2.16
C3 BER B . -4.61 -5.01 -0.99
C4 BER B . -4.06 -3.68 -4.51
C5 BER B . -3.17 -5.68 -3.45
C6 BER B . -6.08 -2.65 -1.07
C7 BER B . -4.93 -1.83 -3.11
C8 BER B . -5.43 -4.68 0.12
C9 BER B . -3.45 -4.06 -5.72
C10 BER B . -4.87 -2.42 -4.49
C11 BER B . -2.57 -6.02 -4.68
C12 BER B . -6.17 -3.51 0.07
C13 BER B . -5.51 -5.53 1.24
C14 BER B . -2.71 -5.25 -5.77
O1 BER B . -1.80 -7.09 -4.99
C15 BER B . -7.01 -3.16 1.16
C16 BER B . -6.35 -5.20 2.33
O2 BER B . -2.03 -5.80 -6.81
C17 BER B . -1.33 -6.97 -6.35
C18 BER B . -7.10 -4.01 2.29
O3 BER B . -7.69 -1.96 1.10
O4 BER B . -7.93 -3.66 3.35
C19 BER B . -9.07 -1.83 1.36
C20 BER B . -8.32 -4.56 4.37
H31 BER B . -4.09 -5.95 -0.97
H51 BER B . -2.99 -6.34 -2.62
H61 BER B . -6.61 -1.71 -1.10
H71 BER B . -5.67 -1.03 -3.08
H72 BER B . -3.96 -1.39 -2.85
H91 BER B . -3.55 -3.45 -6.61
H101 BER B . -4.41 -1.70 -5.16
H102 BER B . -5.88 -2.65 -4.83
H131 BER B . -4.93 -6.45 1.27
H161 BER B . -6.39 -5.87 3.17
H171 BER B . -0.25 -6.79 -6.36
H172 BER B . -1.59 -7.85 -6.94
H191 BER B . -9.22 -1.28 2.28
H192 BER B . -9.55 -1.29 0.54
H193 BER B . -9.55 -2.81 1.45
H201 BER B . -7.45 -4.88 4.94
H202 BER B . -9.01 -4.04 5.05
H203 BER B . -8.83 -5.42 3.94
C1 BER C . 4.76 3.65 2.79
C2 BER C . 3.89 4.32 3.76
N1 BER C . 4.65 4.19 1.50
C3 BER C . 5.62 2.59 3.15
C4 BER C . 3.24 5.52 3.48
C5 BER C . 3.73 3.76 5.06
C6 BER C . 5.46 3.59 0.56
C7 BER C . 3.59 5.12 1.06
C8 BER C . 6.44 2.01 2.16
C9 BER C . 2.42 6.16 4.45
C10 BER C . 3.38 6.17 2.13
C11 BER C . 2.92 4.41 6.00
C12 BER C . 6.37 2.50 0.88
C13 BER C . 7.32 0.96 2.47
C14 BER C . 2.29 5.56 5.71
O1 BER C . 2.60 4.04 7.26
C15 BER C . 7.17 1.95 -0.15
C16 BER C . 8.15 0.42 1.47
O2 BER C . 1.56 5.97 6.78
C17 BER C . 1.67 4.99 7.84
C18 BER C . 8.08 0.92 0.16
O3 BER C . 7.05 2.40 -1.44
O4 BER C . 8.92 0.43 -0.81
C19 BER C . 7.97 3.33 -1.99
C20 BER C . 10.32 0.65 -0.69
H31 BER C . 5.69 2.21 4.17
H51 BER C . 4.16 2.81 5.36
H61 BER C . 5.38 3.96 -0.44
H71 BER C . 3.86 5.61 0.12
H72 BER C . 2.67 4.55 0.91
H91 BER C . 1.90 7.08 4.23
H101 BER C . 2.50 6.76 1.88
H102 BER C . 4.25 6.85 2.16
H131 BER C . 7.38 0.58 3.49
H161 BER C . 8.84 -0.38 1.71
H171 BER C . 0.71 4.52 8.04
H172 BER C . 2.08 5.44 8.74
H191 BER C . 7.93 4.27 -1.44
H192 BER C . 8.99 2.94 -1.92
H193 BER C . 7.74 3.51 -3.03
H201 BER C . 10.71 0.11 0.18
H202 BER C . 10.82 0.28 -1.59
H203 BER C . 10.52 1.72 -0.57
C1 BER B . -4.99 -3.51 -2.07
C2 BER B . -4.22 -4.04 -3.18
N1 BER B . -5.50 -2.22 -2.33
C3 BER B . -5.23 -4.24 -0.88
C4 BER B . -4.17 -3.40 -4.43
C5 BER B . -3.51 -5.27 -3.04
C6 BER B . -6.36 -1.75 -1.36
C7 BER B . -4.95 -1.31 -3.36
C8 BER B . -6.08 -3.69 0.09
C9 BER B . -3.44 -3.95 -5.51
C10 BER B . -4.87 -2.10 -4.65
C11 BER B . -2.81 -5.80 -4.13
C12 BER B . -6.66 -2.46 -0.14
C13 BER B . -6.36 -4.39 1.29
C14 BER B . -2.78 -5.17 -5.32
O1 BER B . -2.06 -6.93 -4.20
C15 BER B . -7.51 -1.88 0.83
C16 BER B . -7.21 -3.83 2.25
O2 BER B . -2.02 -5.88 -6.19
C17 BER B . -1.45 -7.01 -5.52
C18 BER B . -7.79 -2.57 2.04
O3 BER B . -8.03 -0.61 0.63
O4 BER B . -8.60 -1.96 2.99
C19 BER B . -9.42 -0.39 0.46
C20 BER B . -9.31 -2.70 3.97
H31 BER B . -4.82 -5.22 -0.72
H51 BER B . -3.47 -5.83 -2.11
H61 BER B . -6.77 -0.76 -1.54
H71 BER B . -5.60 -0.44 -3.49
H72 BER B . -3.96 -0.98 -3.05
H91 BER B . -3.40 -3.46 -6.47
H101 BER B . -4.32 -1.50 -5.38
H102 BER B . -5.88 -2.29 -5.03
H131 BER B . -5.91 -5.35 1.47
H161 BER B . -7.39 -4.36 3.18
H171 BER B . -0.36 -6.92 -5.44
H172 BER B . -1.72 -7.95 -6.01
H191 BER B . -9.71 0.53 0.97
H192 BER B . -9.66 -0.29 -0.60
H193 BER B . -10.00 -1.21 0.87
H201 BER B . -9.95 -3.44 3.50
H202 BER B . -8.61 -3.18 4.65
H203 BER B . -9.94 -2.01 4.55
C1 BER C . 4.98 3.86 2.30
C2 BER C . 4.16 4.42 3.38
N1 BER C . 4.85 4.56 1.09
C3 BER C . 5.84 2.75 2.49
C4 BER C . 3.48 5.64 3.23
C5 BER C . 4.06 3.73 4.62
C6 BER C . 5.64 4.09 0.07
C7 BER C . 3.73 5.49 0.79
C8 BER C . 6.61 2.28 1.40
C9 BER C . 2.71 6.16 4.30
C10 BER C . 3.56 6.42 1.95
C11 BER C . 3.28 4.29 5.65
C12 BER C . 6.51 2.95 0.20
C13 BER C . 7.44 1.16 1.52
C14 BER C . 2.64 5.45 5.51
O1 BER C . 3.04 3.79 6.90
C15 BER C . 7.26 2.50 -0.93
C16 BER C . 8.17 0.69 0.42
O2 BER C . 1.97 5.74 6.65
C17 BER C . 2.14 4.68 7.60
C18 BER C . 8.08 1.35 -0.82
O3 BER C . 7.13 3.19 -2.13
O4 BER C . 8.74 0.89 -1.94
C19 BER C . 8.25 3.74 -2.80
C20 BER C . 9.65 -0.20 -1.94
H31 BER C . 5.93 2.24 3.44
H51 BER C . 4.52 2.77 4.80
H61 BER C . 5.54 4.60 -0.88
H71 BER C . 3.94 6.06 -0.11
H72 BER C . 2.83 4.90 0.63
H91 BER C . 2.18 7.11 4.21
H101 BER C . 2.63 7.00 1.81
H102 BER C . 4.40 7.11 2.01
H131 BER C . 7.52 0.64 2.47
H161 BER C . 8.79 -0.18 0.53
H171 BER C . 1.19 4.17 7.79
H172 BER C . 2.59 5.03 8.52
H191 BER C . 7.90 4.39 -3.61
H192 BER C . 8.86 4.33 -2.12
H193 BER C . 8.86 2.95 -3.24
H201 BER C . 10.06 -0.34 -2.94
H202 BER C . 10.48 0.00 -1.25
H203 BER C . 9.14 -1.12 -1.65
#